data_5ENK
#
_entry.id   5ENK
#
_cell.length_a   101.924
_cell.length_b   101.924
_cell.length_c   171.025
_cell.angle_alpha   90.00
_cell.angle_beta   90.00
_cell.angle_gamma   120.00
#
_symmetry.space_group_name_H-M   'P 61 2 2'
#
loop_
_entity.id
_entity.type
_entity.pdbx_description
1 polymer 'Beta-secretase 1'
2 non-polymer GLYCEROL
3 non-polymer 'IODIDE ION'
4 non-polymer (4~{S},6~{S})-4-[2,4-bis(fluoranyl)-5-pyrimidin-5-yl-phenyl]-6-(3,5-dimethyl-1,2-oxazol-4-yl)-4-methyl-5,6-dihydro-1,3-thiazin-2-amine
5 water water
#
_entity_poly.entity_id   1
_entity_poly.type   'polypeptide(L)'
_entity_poly.pdbx_seq_one_letter_code
;MASMTGGQQMGRGSAGVLPAHGTQHGIRLPLRSGLGGAPLGLRLPRETDEEPEEPGRRGSFVEMVDNLRGKSGQGYYVEM
TVGSPPQTLNILVDTGSSNFAVGAAPHPFLHRYYQRQLSSTYRDLRKGVYVPYTQGKWEGELGTDLVSIPHGPNVTVRAN
IAAITESDKFFINGSNWEGILGLAYAEIARPDDSLEPFFDSLVKQTHVPNLFSLQLCGAGFPLNQSEVLASVGGSMIIGG
IDHSLYTGSLWYTPIRREWYYEVIIVRVEINGQDLKMDCKEYNYDKSIVDSGTTNLRLPKKVFEAAVKSIKAASSTEKFP
DGFWLGEQLVCWQAGTTPWNIFPVISLYLMGEVTNQSFRITILPQQYLRPVEDVATSQDDCYKFAISQSSTGTVMGAVIM
EGFYVVFDRARKRIGFAVSACHVHDEFRTAAVEGPFVTLDMEDCGYNIPQTDEST
;
_entity_poly.pdbx_strand_id   A
#
loop_
_chem_comp.id
_chem_comp.type
_chem_comp.name
_chem_comp.formula
5QV non-polymer (4~{S},6~{S})-4-[2,4-bis(fluoranyl)-5-pyrimidin-5-yl-phenyl]-6-(3,5-dimethyl-1,2-oxazol-4-yl)-4-methyl-5,6-dihydro-1,3-thiazin-2-amine 'C20 H19 F2 N5 O S'
GOL non-polymer GLYCEROL 'C3 H8 O3'
IOD non-polymer 'IODIDE ION' 'I -1'
#
# COMPACT_ATOMS: atom_id res chain seq x y z
N PHE A 61 13.45 3.80 -17.57
CA PHE A 61 13.19 3.18 -16.23
C PHE A 61 13.31 1.66 -16.27
N VAL A 62 14.02 1.16 -17.28
CA VAL A 62 14.20 -0.28 -17.51
C VAL A 62 14.90 -0.96 -16.32
N GLU A 63 15.87 -0.27 -15.73
CA GLU A 63 16.66 -0.80 -14.62
C GLU A 63 15.87 -0.87 -13.31
N MET A 64 14.73 -0.19 -13.25
CA MET A 64 13.87 -0.20 -12.07
C MET A 64 12.79 -1.27 -12.14
N VAL A 65 12.62 -1.87 -13.32
CA VAL A 65 11.65 -2.95 -13.51
C VAL A 65 12.11 -4.20 -12.75
N ASP A 66 11.16 -4.82 -12.04
CA ASP A 66 11.39 -6.05 -11.27
C ASP A 66 12.31 -5.84 -10.05
N ASN A 67 12.30 -4.61 -9.51
CA ASN A 67 13.13 -4.28 -8.35
C ASN A 67 12.49 -4.62 -6.99
N LEU A 68 11.28 -5.18 -7.02
CA LEU A 68 10.58 -5.58 -5.80
C LEU A 68 10.52 -7.09 -5.66
N ARG A 69 10.72 -7.56 -4.43
CA ARG A 69 10.59 -8.96 -4.08
C ARG A 69 9.79 -9.12 -2.80
N GLY A 70 9.41 -10.35 -2.48
CA GLY A 70 8.70 -10.62 -1.23
C GLY A 70 8.10 -12.00 -1.14
N LYS A 71 7.36 -12.22 -0.06
CA LYS A 71 6.58 -13.44 0.15
C LYS A 71 5.14 -13.06 0.39
N SER A 72 4.21 -13.89 -0.10
CA SER A 72 2.78 -13.63 0.01
C SER A 72 2.37 -13.33 1.45
N GLY A 73 1.70 -12.19 1.64
CA GLY A 73 1.23 -11.77 2.95
C GLY A 73 2.27 -11.09 3.83
N GLN A 74 3.52 -11.04 3.36
CA GLN A 74 4.62 -10.45 4.13
C GLN A 74 5.12 -9.12 3.55
N GLY A 75 4.44 -8.64 2.51
CA GLY A 75 4.74 -7.34 1.91
C GLY A 75 5.79 -7.39 0.82
N TYR A 76 6.03 -6.24 0.20
CA TYR A 76 6.98 -6.11 -0.89
C TYR A 76 8.14 -5.22 -0.46
N TYR A 77 9.37 -5.69 -0.70
CA TYR A 77 10.55 -4.95 -0.30
C TYR A 77 11.47 -4.57 -1.46
N VAL A 78 12.19 -3.46 -1.29
CA VAL A 78 13.17 -2.98 -2.25
C VAL A 78 14.56 -2.95 -1.60
N GLU A 79 15.59 -3.21 -2.39
CA GLU A 79 16.97 -3.09 -1.92
C GLU A 79 17.37 -1.62 -1.81
N MET A 80 17.93 -1.26 -0.66
CA MET A 80 18.42 0.09 -0.41
C MET A 80 19.81 0.04 0.22
N THR A 81 20.56 1.12 0.06
CA THR A 81 21.85 1.26 0.76
C THR A 81 21.81 2.46 1.69
N VAL A 82 22.44 2.30 2.85
CA VAL A 82 22.49 3.35 3.86
C VAL A 82 23.92 3.51 4.39
N GLY A 83 24.36 4.76 4.52
CA GLY A 83 25.67 5.07 5.09
C GLY A 83 26.82 5.04 4.12
N SER A 84 28.01 5.36 4.63
CA SER A 84 29.25 5.34 3.86
C SER A 84 30.36 4.65 4.66
N PRO A 85 30.87 3.50 4.19
CA PRO A 85 30.51 2.79 2.95
C PRO A 85 29.08 2.25 3.00
N PRO A 86 28.44 2.06 1.81
CA PRO A 86 27.03 1.65 1.73
C PRO A 86 26.74 0.29 2.37
N GLN A 87 25.72 0.28 3.25
CA GLN A 87 25.23 -0.96 3.86
C GLN A 87 23.94 -1.37 3.17
N THR A 88 23.93 -2.56 2.59
CA THR A 88 22.78 -3.09 1.85
C THR A 88 21.71 -3.62 2.79
N LEU A 89 20.48 -3.16 2.59
CA LEU A 89 19.32 -3.61 3.37
C LEU A 89 18.09 -3.80 2.48
N ASN A 90 17.26 -4.78 2.84
CA ASN A 90 15.96 -4.96 2.20
C ASN A 90 14.88 -4.23 2.97
N ILE A 91 14.15 -3.36 2.29
CA ILE A 91 13.26 -2.40 2.94
C ILE A 91 11.82 -2.49 2.38
N LEU A 92 10.87 -2.71 3.30
CA LEU A 92 9.45 -2.78 2.97
C LEU A 92 8.93 -1.48 2.35
N VAL A 93 8.28 -1.59 1.20
CA VAL A 93 7.64 -0.46 0.54
C VAL A 93 6.26 -0.25 1.15
N ASP A 94 6.08 0.89 1.81
CA ASP A 94 4.85 1.16 2.56
C ASP A 94 4.27 2.56 2.33
N THR A 95 3.20 2.62 1.55
CA THR A 95 2.50 3.88 1.29
C THR A 95 1.52 4.27 2.41
N GLY A 96 1.46 3.43 3.44
CA GLY A 96 0.58 3.67 4.59
C GLY A 96 1.26 4.21 5.84
N SER A 97 2.51 4.62 5.70
CA SER A 97 3.25 5.26 6.78
C SER A 97 4.28 6.25 6.21
N SER A 98 4.97 6.99 7.08
CA SER A 98 5.82 8.09 6.63
C SER A 98 7.23 8.12 7.24
N ASN A 99 7.56 7.10 8.04
CA ASN A 99 8.89 6.99 8.63
C ASN A 99 9.79 6.03 7.87
N PHE A 100 11.03 6.43 7.64
CA PHE A 100 12.06 5.51 7.17
C PHE A 100 12.75 4.95 8.41
N ALA A 101 12.37 3.73 8.77
CA ALA A 101 12.85 3.08 9.99
C ALA A 101 13.48 1.74 9.66
N VAL A 102 14.69 1.51 10.17
CA VAL A 102 15.44 0.29 9.89
C VAL A 102 15.95 -0.37 11.18
N GLY A 103 16.00 -1.70 11.18
CA GLY A 103 16.60 -2.45 12.27
C GLY A 103 18.05 -2.03 12.47
N ALA A 104 18.42 -1.76 13.72
CA ALA A 104 19.77 -1.28 14.04
C ALA A 104 20.42 -2.10 15.15
N ALA A 105 19.76 -3.18 15.55
CA ALA A 105 20.25 -4.07 16.59
C ALA A 105 20.02 -5.52 16.18
N PRO A 106 20.86 -6.45 16.69
CA PRO A 106 20.77 -7.86 16.31
C PRO A 106 19.54 -8.60 16.85
N HIS A 107 18.36 -8.23 16.35
CA HIS A 107 17.14 -8.99 16.59
C HIS A 107 17.27 -10.33 15.87
N PRO A 108 16.92 -11.45 16.55
CA PRO A 108 17.08 -12.80 15.98
C PRO A 108 16.44 -13.00 14.59
N PHE A 109 15.35 -12.29 14.31
CA PHE A 109 14.62 -12.43 13.05
C PHE A 109 15.34 -11.79 11.86
N LEU A 110 16.28 -10.90 12.15
CA LEU A 110 16.89 -10.07 11.10
C LEU A 110 18.10 -10.72 10.43
N HIS A 111 18.09 -10.73 9.10
CA HIS A 111 19.23 -11.18 8.30
C HIS A 111 20.41 -10.22 8.46
N ARG A 112 20.10 -8.93 8.53
CA ARG A 112 21.09 -7.87 8.68
C ARG A 112 20.47 -6.64 9.32
N TYR A 113 21.31 -5.70 9.75
CA TYR A 113 20.84 -4.49 10.41
C TYR A 113 21.80 -3.32 10.21
N TYR A 114 21.27 -2.12 10.39
CA TYR A 114 22.02 -0.87 10.23
C TYR A 114 23.04 -0.71 11.36
N GLN A 115 24.31 -0.63 10.97
CA GLN A 115 25.40 -0.46 11.92
C GLN A 115 25.97 0.95 11.80
N ARG A 116 25.47 1.85 12.64
CA ARG A 116 25.81 3.27 12.59
C ARG A 116 27.28 3.56 12.83
N GLN A 117 27.94 2.69 13.60
CA GLN A 117 29.36 2.83 13.92
C GLN A 117 30.28 2.70 12.70
N LEU A 118 29.79 2.05 11.65
CA LEU A 118 30.56 1.81 10.43
C LEU A 118 30.38 2.93 9.39
N SER A 119 29.51 3.88 9.69
CA SER A 119 29.19 4.96 8.74
C SER A 119 29.81 6.29 9.15
N SER A 120 30.64 6.84 8.26
CA SER A 120 31.28 8.14 8.49
C SER A 120 30.35 9.31 8.24
N THR A 121 29.31 9.08 7.44
CA THR A 121 28.35 10.14 7.08
C THR A 121 27.12 10.20 8.00
N TYR A 122 27.09 9.32 9.00
CA TYR A 122 26.00 9.30 9.99
C TYR A 122 26.04 10.53 10.90
N ARG A 123 24.87 11.13 11.10
CA ARG A 123 24.72 12.27 12.01
C ARG A 123 23.59 12.02 12.99
N ASP A 124 23.90 12.13 14.28
CA ASP A 124 22.95 11.91 15.35
C ASP A 124 22.06 13.14 15.54
N LEU A 125 20.75 12.91 15.62
CA LEU A 125 19.78 13.99 15.88
C LEU A 125 19.48 14.14 17.37
N ARG A 126 20.07 13.26 18.18
CA ARG A 126 19.91 13.25 19.64
C ARG A 126 18.44 13.29 20.08
N LYS A 127 17.63 12.46 19.43
CA LYS A 127 16.20 12.40 19.71
C LYS A 127 15.69 10.96 19.49
N GLY A 128 14.84 10.51 20.41
CA GLY A 128 14.23 9.19 20.31
C GLY A 128 12.84 9.26 19.69
N VAL A 129 12.32 8.10 19.31
CA VAL A 129 10.97 8.00 18.76
C VAL A 129 10.31 6.69 19.18
N TYR A 130 9.09 6.78 19.71
CA TYR A 130 8.32 5.61 20.11
C TYR A 130 7.07 5.51 19.24
N VAL A 131 6.96 4.40 18.51
CA VAL A 131 5.84 4.21 17.58
C VAL A 131 5.04 2.94 17.89
N PRO A 132 3.92 3.10 18.62
CA PRO A 132 2.98 2.00 18.80
C PRO A 132 1.93 1.94 17.69
N TYR A 133 1.67 0.74 17.17
CA TYR A 133 0.61 0.54 16.19
C TYR A 133 -0.59 -0.08 16.88
N THR A 134 -1.64 -0.35 16.10
CA THR A 134 -2.81 -1.08 16.60
C THR A 134 -2.37 -2.46 17.11
N GLN A 135 -1.46 -3.08 16.35
CA GLN A 135 -0.79 -4.30 16.76
C GLN A 135 0.71 -4.14 16.54
N GLY A 136 1.49 -4.46 17.56
CA GLY A 136 2.93 -4.34 17.50
C GLY A 136 3.43 -2.92 17.76
N LYS A 137 4.75 -2.79 17.89
CA LYS A 137 5.38 -1.52 18.24
C LYS A 137 6.89 -1.55 17.94
N TRP A 138 7.47 -0.38 17.68
CA TRP A 138 8.92 -0.22 17.66
C TRP A 138 9.38 1.10 18.26
N GLU A 139 10.59 1.09 18.81
CA GLU A 139 11.23 2.28 19.36
C GLU A 139 12.58 2.48 18.68
N GLY A 140 12.87 3.72 18.31
CA GLY A 140 14.09 4.02 17.57
C GLY A 140 14.82 5.29 17.96
N GLU A 141 16.05 5.41 17.51
CA GLU A 141 16.87 6.60 17.71
C GLU A 141 17.03 7.32 16.37
N LEU A 142 16.67 8.60 16.34
CA LEU A 142 16.66 9.37 15.11
C LEU A 142 18.04 9.91 14.72
N GLY A 143 18.28 9.92 13.41
CA GLY A 143 19.51 10.45 12.83
C GLY A 143 19.36 10.67 11.34
N THR A 144 20.44 11.09 10.69
CA THR A 144 20.49 11.23 9.24
C THR A 144 21.71 10.53 8.67
N ASP A 145 21.60 10.07 7.43
CA ASP A 145 22.70 9.43 6.71
C ASP A 145 22.42 9.43 5.21
N LEU A 146 23.44 9.11 4.42
CA LEU A 146 23.30 9.04 2.97
C LEU A 146 22.59 7.76 2.55
N VAL A 147 21.53 7.91 1.77
CA VAL A 147 20.69 6.79 1.34
C VAL A 147 20.63 6.74 -0.19
N SER A 148 20.72 5.53 -0.73
CA SER A 148 20.60 5.31 -2.17
C SER A 148 19.76 4.07 -2.47
N ILE A 149 19.22 4.00 -3.68
CA ILE A 149 18.46 2.83 -4.14
C ILE A 149 19.14 2.27 -5.40
N PRO A 150 19.89 1.16 -5.24
CA PRO A 150 20.67 0.52 -6.31
C PRO A 150 19.90 0.32 -7.61
N HIS A 151 18.68 -0.21 -7.51
CA HIS A 151 17.83 -0.40 -8.69
C HIS A 151 16.75 0.68 -8.79
N GLY A 152 17.16 1.91 -8.48
CA GLY A 152 16.33 3.10 -8.63
C GLY A 152 17.11 4.17 -9.38
N PRO A 153 16.80 5.46 -9.12
CA PRO A 153 17.54 6.54 -9.76
C PRO A 153 18.99 6.61 -9.26
N ASN A 154 19.91 7.01 -10.14
CA ASN A 154 21.32 7.08 -9.80
C ASN A 154 21.65 8.34 -8.99
N VAL A 155 21.11 8.40 -7.77
CA VAL A 155 21.29 9.53 -6.88
C VAL A 155 21.49 9.07 -5.44
N THR A 156 22.06 9.95 -4.62
CA THR A 156 22.25 9.70 -3.19
C THR A 156 21.80 10.94 -2.41
N VAL A 157 20.91 10.73 -1.43
CA VAL A 157 20.35 11.82 -0.64
C VAL A 157 20.60 11.63 0.86
N ARG A 158 20.63 12.75 1.59
CA ARG A 158 20.66 12.70 3.05
C ARG A 158 19.22 12.65 3.55
N ALA A 159 18.88 11.56 4.24
CA ALA A 159 17.52 11.34 4.69
C ALA A 159 17.47 10.99 6.18
N ASN A 160 16.33 11.31 6.80
CA ASN A 160 16.06 10.90 8.17
C ASN A 160 15.94 9.39 8.27
N ILE A 161 16.58 8.82 9.30
CA ILE A 161 16.53 7.38 9.54
C ILE A 161 16.29 7.11 11.02
N ALA A 162 15.26 6.33 11.30
CA ALA A 162 14.99 5.88 12.66
C ALA A 162 15.66 4.53 12.88
N ALA A 163 16.71 4.54 13.70
CA ALA A 163 17.46 3.33 14.02
C ALA A 163 16.72 2.54 15.09
N ILE A 164 16.02 1.48 14.67
CA ILE A 164 15.19 0.67 15.56
C ILE A 164 16.05 -0.11 16.57
N THR A 165 15.82 0.16 17.85
CA THR A 165 16.60 -0.42 18.93
C THR A 165 15.78 -1.37 19.80
N GLU A 166 14.46 -1.30 19.67
CA GLU A 166 13.54 -2.17 20.40
C GLU A 166 12.24 -2.31 19.62
N SER A 167 11.69 -3.54 19.59
CA SER A 167 10.42 -3.81 18.91
C SER A 167 9.69 -5.03 19.46
N ASP A 168 8.38 -5.07 19.26
CA ASP A 168 7.56 -6.23 19.57
C ASP A 168 6.50 -6.42 18.49
N LYS A 169 6.41 -7.65 17.97
CA LYS A 169 5.45 -8.01 16.92
C LYS A 169 5.46 -7.05 15.72
N PHE A 170 6.68 -6.67 15.32
CA PHE A 170 6.89 -5.75 14.21
C PHE A 170 7.53 -6.50 13.04
N PHE A 171 8.74 -7.01 13.24
CA PHE A 171 9.41 -7.84 12.23
C PHE A 171 8.75 -9.22 12.15
N ILE A 172 8.71 -9.76 10.94
CA ILE A 172 8.11 -11.06 10.68
C ILE A 172 9.19 -12.15 10.69
N ASN A 173 8.97 -13.18 11.49
CA ASN A 173 9.88 -14.33 11.55
C ASN A 173 9.87 -15.10 10.24
N GLY A 174 11.00 -15.09 9.54
CA GLY A 174 11.12 -15.77 8.25
C GLY A 174 11.08 -14.83 7.06
N SER A 175 10.78 -13.56 7.29
CA SER A 175 10.75 -12.55 6.23
C SER A 175 12.16 -12.12 5.84
N ASN A 176 12.31 -11.54 4.66
CA ASN A 176 13.61 -11.13 4.15
C ASN A 176 13.84 -9.61 4.17
N TRP A 177 12.99 -8.88 4.89
CA TRP A 177 13.20 -7.44 5.07
C TRP A 177 13.50 -7.07 6.52
N GLU A 178 14.26 -5.98 6.68
CA GLU A 178 14.73 -5.56 8.01
C GLU A 178 14.47 -4.08 8.28
N GLY A 179 13.62 -3.46 7.47
CA GLY A 179 13.26 -2.07 7.63
C GLY A 179 12.02 -1.68 6.85
N ILE A 180 11.55 -0.46 7.07
CA ILE A 180 10.35 0.05 6.40
C ILE A 180 10.58 1.42 5.77
N LEU A 181 10.08 1.58 4.53
CA LEU A 181 10.15 2.85 3.83
C LEU A 181 8.76 3.47 3.78
N GLY A 182 8.55 4.44 4.67
CA GLY A 182 7.29 5.18 4.71
C GLY A 182 7.23 6.18 3.58
N LEU A 183 6.31 5.95 2.63
CA LEU A 183 6.20 6.78 1.43
C LEU A 183 5.09 7.82 1.48
N ALA A 184 4.32 7.84 2.57
CA ALA A 184 3.26 8.82 2.75
C ALA A 184 3.81 10.17 3.23
N TYR A 185 2.91 11.09 3.60
CA TYR A 185 3.27 12.49 3.87
C TYR A 185 3.67 12.77 5.32
N ALA A 186 4.31 13.93 5.53
CA ALA A 186 4.86 14.32 6.83
C ALA A 186 3.82 14.44 7.94
N GLU A 187 2.58 14.71 7.58
CA GLU A 187 1.48 14.87 8.55
C GLU A 187 1.37 13.69 9.53
N ILE A 188 1.61 12.48 9.04
CA ILE A 188 1.56 11.27 9.89
C ILE A 188 2.94 10.71 10.25
N ALA A 189 3.99 11.51 10.02
CA ALA A 189 5.34 11.13 10.41
C ALA A 189 5.51 11.25 11.92
N ARG A 190 6.35 10.38 12.49
CA ARG A 190 6.57 10.36 13.94
C ARG A 190 8.02 10.76 14.25
N PRO A 191 8.23 11.55 15.34
CA PRO A 191 7.26 12.00 16.34
C PRO A 191 6.27 13.07 15.86
N ASP A 192 6.67 13.86 14.86
CA ASP A 192 5.81 14.91 14.30
C ASP A 192 6.13 15.24 12.84
N ASP A 193 5.45 16.26 12.30
CA ASP A 193 5.55 16.59 10.88
C ASP A 193 6.83 17.31 10.46
N SER A 194 7.68 17.65 11.44
CA SER A 194 8.97 18.29 11.15
C SER A 194 10.03 17.29 10.69
N LEU A 195 9.79 16.00 10.94
CA LEU A 195 10.68 14.95 10.46
C LEU A 195 10.35 14.62 9.01
N GLU A 196 11.18 15.13 8.10
CA GLU A 196 10.99 15.00 6.67
C GLU A 196 11.06 13.53 6.20
N PRO A 197 9.99 13.06 5.53
CA PRO A 197 9.96 11.70 4.95
C PRO A 197 10.96 11.54 3.82
N PHE A 198 11.36 10.31 3.53
CA PHE A 198 12.37 10.00 2.52
C PHE A 198 12.11 10.61 1.15
N PHE A 199 10.89 10.44 0.64
CA PHE A 199 10.56 10.89 -0.71
C PHE A 199 10.54 12.42 -0.83
N ASP A 200 10.18 13.09 0.26
CA ASP A 200 10.25 14.56 0.32
C ASP A 200 11.70 15.03 0.27
N SER A 201 12.59 14.31 0.95
CA SER A 201 14.04 14.59 0.93
C SER A 201 14.61 14.31 -0.46
N LEU A 202 14.14 13.24 -1.09
CA LEU A 202 14.60 12.82 -2.42
C LEU A 202 14.28 13.87 -3.49
N VAL A 203 13.05 14.38 -3.47
CA VAL A 203 12.59 15.38 -4.43
C VAL A 203 13.29 16.73 -4.23
N LYS A 204 13.47 17.12 -2.97
CA LYS A 204 14.11 18.40 -2.64
C LYS A 204 15.60 18.46 -3.00
N GLN A 205 16.29 17.33 -2.86
CA GLN A 205 17.74 17.29 -3.04
C GLN A 205 18.19 16.92 -4.46
N THR A 206 17.29 16.34 -5.25
CA THR A 206 17.61 15.93 -6.62
C THR A 206 16.63 16.50 -7.64
N HIS A 207 16.79 16.11 -8.90
CA HIS A 207 15.86 16.50 -9.97
C HIS A 207 14.89 15.36 -10.31
N VAL A 208 14.76 14.39 -9.41
CA VAL A 208 13.81 13.29 -9.56
C VAL A 208 12.39 13.86 -9.45
N PRO A 209 11.55 13.62 -10.48
CA PRO A 209 10.17 14.11 -10.48
C PRO A 209 9.37 13.62 -9.27
N ASN A 210 8.49 14.48 -8.76
CA ASN A 210 7.69 14.18 -7.57
C ASN A 210 6.56 13.20 -7.90
N LEU A 211 6.95 11.95 -8.17
CA LEU A 211 6.03 10.89 -8.57
C LEU A 211 6.71 9.55 -8.40
N PHE A 212 5.95 8.55 -7.95
CA PHE A 212 6.39 7.15 -7.99
C PHE A 212 5.21 6.25 -8.33
N SER A 213 5.49 5.11 -8.95
CA SER A 213 4.44 4.16 -9.29
C SER A 213 4.78 2.74 -8.84
N LEU A 214 3.74 1.96 -8.53
CA LEU A 214 3.91 0.61 -8.01
C LEU A 214 3.13 -0.43 -8.80
N GLN A 215 3.84 -1.46 -9.25
CA GLN A 215 3.22 -2.65 -9.82
C GLN A 215 3.51 -3.84 -8.89
N LEU A 216 2.51 -4.24 -8.12
CA LEU A 216 2.65 -5.38 -7.22
C LEU A 216 2.04 -6.62 -7.88
N CYS A 217 2.86 -7.65 -8.05
CA CYS A 217 2.42 -8.88 -8.71
C CYS A 217 2.23 -10.00 -7.69
N GLY A 218 1.02 -10.56 -7.66
CA GLY A 218 0.70 -11.66 -6.76
C GLY A 218 1.24 -12.99 -7.25
N SER A 231 9.05 -15.52 -3.94
CA SER A 231 7.63 -15.87 -4.05
C SER A 231 6.89 -14.87 -4.95
N VAL A 232 6.70 -13.64 -4.45
CA VAL A 232 6.08 -12.58 -5.24
C VAL A 232 7.11 -11.55 -5.73
N GLY A 233 6.72 -10.79 -6.75
CA GLY A 233 7.59 -9.76 -7.32
C GLY A 233 6.84 -8.50 -7.70
N GLY A 234 7.55 -7.56 -8.31
CA GLY A 234 6.95 -6.31 -8.75
C GLY A 234 7.94 -5.22 -9.06
N SER A 235 7.43 -4.02 -9.33
CA SER A 235 8.26 -2.89 -9.72
C SER A 235 7.87 -1.61 -8.99
N MET A 236 8.87 -0.91 -8.45
CA MET A 236 8.69 0.45 -7.96
C MET A 236 9.45 1.40 -8.87
N ILE A 237 8.71 2.14 -9.69
CA ILE A 237 9.30 3.11 -10.60
C ILE A 237 9.35 4.47 -9.93
N ILE A 238 10.56 4.92 -9.64
CA ILE A 238 10.78 6.17 -8.91
C ILE A 238 11.04 7.32 -9.89
N GLY A 239 10.18 8.33 -9.83
CA GLY A 239 10.29 9.50 -10.69
C GLY A 239 9.58 9.40 -12.03
N GLY A 240 8.81 8.34 -12.23
CA GLY A 240 8.13 8.15 -13.50
C GLY A 240 7.18 6.98 -13.64
N ILE A 241 6.74 6.75 -14.87
CA ILE A 241 5.78 5.71 -15.21
C ILE A 241 6.36 4.85 -16.33
N ASP A 242 6.26 3.53 -16.18
CA ASP A 242 6.66 2.59 -17.22
C ASP A 242 5.42 2.02 -17.88
N HIS A 243 5.25 2.31 -19.17
CA HIS A 243 4.03 1.97 -19.91
C HIS A 243 3.90 0.48 -20.27
N SER A 244 5.00 -0.25 -20.16
CA SER A 244 4.99 -1.70 -20.37
C SER A 244 4.36 -2.45 -19.19
N LEU A 245 4.20 -1.74 -18.06
CA LEU A 245 3.69 -2.35 -16.85
C LEU A 245 2.14 -2.34 -16.74
N TYR A 246 1.49 -1.67 -17.70
CA TYR A 246 0.03 -1.60 -17.72
C TYR A 246 -0.59 -1.63 -19.11
N THR A 247 -1.85 -2.05 -19.18
CA THR A 247 -2.64 -2.05 -20.41
C THR A 247 -3.80 -1.06 -20.27
N GLY A 248 -4.25 -0.53 -21.41
CA GLY A 248 -5.33 0.45 -21.44
C GLY A 248 -4.86 1.81 -20.96
N SER A 249 -5.78 2.57 -20.39
CA SER A 249 -5.50 3.93 -19.94
C SER A 249 -5.44 4.05 -18.42
N LEU A 250 -4.63 4.99 -17.94
CA LEU A 250 -4.61 5.35 -16.54
C LEU A 250 -5.82 6.24 -16.22
N TRP A 251 -6.45 5.97 -15.08
CA TRP A 251 -7.54 6.80 -14.58
C TRP A 251 -7.18 7.35 -13.22
N TYR A 252 -7.31 8.66 -13.06
CA TYR A 252 -6.83 9.36 -11.87
C TYR A 252 -7.94 9.75 -10.90
N THR A 253 -7.65 9.53 -9.61
CA THR A 253 -8.52 9.95 -8.52
C THR A 253 -7.76 10.95 -7.64
N PRO A 254 -8.43 12.03 -7.21
CA PRO A 254 -7.73 13.06 -6.42
C PRO A 254 -7.30 12.57 -5.04
N ILE A 255 -6.10 12.98 -4.61
CA ILE A 255 -5.68 12.82 -3.22
C ILE A 255 -6.38 13.89 -2.41
N ARG A 256 -7.34 13.47 -1.58
CA ARG A 256 -8.18 14.38 -0.81
C ARG A 256 -7.38 15.24 0.16
N ARG A 257 -6.43 14.60 0.85
CA ARG A 257 -5.60 15.27 1.85
C ARG A 257 -4.23 14.59 1.88
N GLU A 258 -3.18 15.41 1.98
CA GLU A 258 -1.81 14.91 2.00
C GLU A 258 -1.36 14.52 3.42
N TRP A 259 -1.77 13.32 3.84
CA TRP A 259 -1.30 12.71 5.08
C TRP A 259 -1.05 11.23 4.82
N TYR A 260 -2.12 10.43 4.79
CA TYR A 260 -2.11 9.15 4.09
C TYR A 260 -2.36 9.46 2.63
N TYR A 261 -2.32 8.45 1.77
CA TYR A 261 -2.80 8.61 0.41
C TYR A 261 -4.32 8.42 0.41
N GLU A 262 -5.01 9.45 0.87
CA GLU A 262 -6.46 9.41 1.08
C GLU A 262 -7.24 9.64 -0.20
N VAL A 263 -8.18 8.75 -0.47
CA VAL A 263 -9.06 8.84 -1.64
C VAL A 263 -10.53 8.78 -1.20
N ILE A 264 -11.44 8.95 -2.16
CA ILE A 264 -12.87 8.88 -1.89
C ILE A 264 -13.55 7.84 -2.79
N ILE A 265 -14.15 6.83 -2.16
CA ILE A 265 -14.97 5.84 -2.85
C ILE A 265 -16.41 6.36 -2.90
N VAL A 266 -17.01 6.33 -4.08
CA VAL A 266 -18.33 6.93 -4.29
C VAL A 266 -19.45 5.90 -4.52
N ARG A 267 -19.07 4.66 -4.87
CA ARG A 267 -20.01 3.59 -5.16
C ARG A 267 -19.29 2.25 -5.07
N VAL A 268 -19.97 1.24 -4.52
CA VAL A 268 -19.44 -0.12 -4.44
C VAL A 268 -20.40 -1.11 -5.06
N GLU A 269 -19.89 -1.93 -5.98
CA GLU A 269 -20.69 -2.96 -6.63
C GLU A 269 -20.14 -4.36 -6.38
N ILE A 270 -21.05 -5.28 -6.04
CA ILE A 270 -20.74 -6.70 -5.94
C ILE A 270 -21.44 -7.43 -7.09
N ASN A 271 -20.65 -7.94 -8.03
CA ASN A 271 -21.16 -8.52 -9.28
C ASN A 271 -22.07 -7.59 -10.09
N GLY A 272 -21.76 -6.30 -10.05
CA GLY A 272 -22.53 -5.29 -10.77
C GLY A 272 -23.74 -4.78 -10.00
N GLN A 273 -23.92 -5.28 -8.78
CA GLN A 273 -25.04 -4.88 -7.94
C GLN A 273 -24.60 -3.89 -6.85
N ASP A 274 -25.20 -2.71 -6.87
CA ASP A 274 -24.88 -1.65 -5.91
C ASP A 274 -25.34 -2.02 -4.50
N LEU A 275 -24.53 -1.62 -3.51
CA LEU A 275 -24.85 -1.88 -2.10
C LEU A 275 -25.91 -0.94 -1.55
N LYS A 276 -26.20 0.13 -2.29
CA LYS A 276 -27.24 1.11 -1.96
C LYS A 276 -27.05 1.77 -0.59
N MET A 277 -25.79 1.93 -0.18
CA MET A 277 -25.45 2.57 1.08
C MET A 277 -25.13 4.05 0.86
N ASP A 278 -25.31 4.86 1.91
CA ASP A 278 -24.83 6.23 1.92
C ASP A 278 -23.32 6.17 1.69
N CYS A 279 -22.85 6.82 0.63
CA CYS A 279 -21.45 6.72 0.22
C CYS A 279 -20.46 7.26 1.26
N LYS A 280 -20.96 8.03 2.22
CA LYS A 280 -20.16 8.53 3.33
C LYS A 280 -19.71 7.36 4.23
N GLU A 281 -20.48 6.28 4.23
CA GLU A 281 -20.14 5.06 4.98
C GLU A 281 -18.89 4.38 4.41
N TYR A 282 -18.72 4.44 3.09
CA TYR A 282 -17.57 3.83 2.41
C TYR A 282 -16.25 4.50 2.79
N ASN A 283 -16.33 5.74 3.26
CA ASN A 283 -15.15 6.53 3.60
C ASN A 283 -15.15 6.99 5.06
N TYR A 284 -15.67 6.14 5.94
CA TYR A 284 -15.73 6.44 7.37
C TYR A 284 -14.70 5.61 8.14
N ASP A 285 -13.70 6.27 8.71
CA ASP A 285 -13.56 7.73 8.69
C ASP A 285 -12.67 8.23 7.54
N LYS A 286 -12.09 7.30 6.79
CA LYS A 286 -11.25 7.62 5.63
C LYS A 286 -11.09 6.41 4.70
N SER A 287 -10.61 6.67 3.50
CA SER A 287 -10.23 5.60 2.56
C SER A 287 -8.81 5.88 2.07
N ILE A 288 -7.93 4.88 2.19
CA ILE A 288 -6.52 5.06 1.86
C ILE A 288 -5.97 3.96 0.95
N VAL A 289 -4.88 4.29 0.24
CA VAL A 289 -4.15 3.31 -0.55
C VAL A 289 -2.88 2.94 0.21
N ASP A 290 -2.76 1.67 0.59
CA ASP A 290 -1.71 1.21 1.49
C ASP A 290 -1.05 -0.09 1.03
N SER A 291 0.19 0.02 0.56
CA SER A 291 0.96 -1.14 0.10
C SER A 291 1.46 -2.01 1.26
N GLY A 292 1.48 -1.46 2.47
CA GLY A 292 1.91 -2.19 3.67
C GLY A 292 0.79 -2.89 4.41
N THR A 293 -0.36 -3.03 3.76
CA THR A 293 -1.47 -3.82 4.28
C THR A 293 -1.85 -4.87 3.24
N THR A 294 -2.04 -6.11 3.69
CA THR A 294 -2.39 -7.20 2.81
C THR A 294 -3.85 -7.12 2.37
N ASN A 295 -4.74 -6.95 3.34
CA ASN A 295 -6.18 -7.02 3.12
C ASN A 295 -6.81 -5.77 2.52
N LEU A 296 -7.96 -5.97 1.88
CA LEU A 296 -8.90 -4.89 1.63
C LEU A 296 -9.74 -4.74 2.89
N ARG A 297 -9.48 -3.67 3.64
CA ARG A 297 -10.20 -3.41 4.87
C ARG A 297 -11.37 -2.48 4.60
N LEU A 298 -12.53 -2.80 5.19
CA LEU A 298 -13.74 -2.01 5.00
C LEU A 298 -14.37 -1.66 6.35
N PRO A 299 -15.01 -0.48 6.45
CA PRO A 299 -15.75 -0.14 7.68
C PRO A 299 -16.80 -1.22 7.98
N LYS A 300 -16.99 -1.52 9.26
CA LYS A 300 -17.84 -2.65 9.68
C LYS A 300 -19.24 -2.66 9.06
N LYS A 301 -19.87 -1.49 9.00
CA LYS A 301 -21.21 -1.35 8.42
C LYS A 301 -21.19 -1.65 6.92
N VAL A 302 -20.12 -1.23 6.25
CA VAL A 302 -19.90 -1.54 4.85
C VAL A 302 -19.52 -3.01 4.67
N PHE A 303 -18.70 -3.51 5.60
CA PHE A 303 -18.24 -4.90 5.57
C PHE A 303 -19.38 -5.91 5.71
N GLU A 304 -20.29 -5.65 6.65
CA GLU A 304 -21.43 -6.55 6.88
C GLU A 304 -22.44 -6.54 5.72
N ALA A 305 -22.54 -5.39 5.05
CA ALA A 305 -23.38 -5.26 3.85
C ALA A 305 -22.71 -5.90 2.64
N ALA A 306 -21.38 -5.76 2.57
CA ALA A 306 -20.58 -6.35 1.49
C ALA A 306 -20.53 -7.87 1.60
N VAL A 307 -20.29 -8.38 2.80
CA VAL A 307 -20.23 -9.81 3.07
C VAL A 307 -21.57 -10.49 2.82
N LYS A 308 -22.66 -9.82 3.20
CA LYS A 308 -24.02 -10.33 2.97
C LYS A 308 -24.32 -10.51 1.49
N SER A 309 -23.80 -9.59 0.67
CA SER A 309 -23.95 -9.66 -0.79
C SER A 309 -23.06 -10.75 -1.39
N ILE A 310 -21.88 -10.94 -0.81
CA ILE A 310 -20.96 -12.00 -1.25
C ILE A 310 -21.47 -13.38 -0.79
N LYS A 311 -22.14 -13.42 0.37
CA LYS A 311 -22.81 -14.63 0.84
C LYS A 311 -23.90 -15.07 -0.13
N ALA A 312 -24.67 -14.11 -0.64
CA ALA A 312 -25.79 -14.37 -1.54
C ALA A 312 -25.34 -14.83 -2.92
N ALA A 313 -24.28 -14.21 -3.45
CA ALA A 313 -23.77 -14.52 -4.78
C ALA A 313 -23.06 -15.88 -4.84
N SER A 314 -22.60 -16.35 -3.69
CA SER A 314 -22.01 -17.69 -3.58
C SER A 314 -22.89 -18.62 -2.76
N SER A 315 -24.17 -18.67 -3.12
CA SER A 315 -25.15 -19.50 -2.43
C SER A 315 -25.04 -20.98 -2.80
N THR A 316 -24.29 -21.27 -3.88
CA THR A 316 -24.06 -22.63 -4.35
C THR A 316 -23.35 -23.49 -3.31
N GLU A 317 -22.33 -22.91 -2.67
CA GLU A 317 -21.59 -23.59 -1.61
C GLU A 317 -21.77 -22.89 -0.27
N LYS A 318 -21.85 -23.68 0.80
CA LYS A 318 -22.01 -23.14 2.14
C LYS A 318 -20.67 -23.06 2.87
N PHE A 319 -20.39 -21.88 3.43
CA PHE A 319 -19.16 -21.64 4.18
C PHE A 319 -19.47 -21.20 5.60
N PRO A 320 -18.66 -21.66 6.58
CA PRO A 320 -18.84 -21.28 7.99
C PRO A 320 -18.71 -19.78 8.23
N ASP A 321 -19.32 -19.29 9.32
CA ASP A 321 -19.32 -17.88 9.68
C ASP A 321 -17.93 -17.36 10.03
N GLY A 322 -17.09 -18.24 10.57
CA GLY A 322 -15.71 -17.90 10.94
C GLY A 322 -14.84 -17.56 9.74
N PHE A 323 -15.11 -18.20 8.60
CA PHE A 323 -14.40 -17.94 7.35
C PHE A 323 -14.56 -16.48 6.89
N TRP A 324 -15.79 -15.99 6.95
CA TRP A 324 -16.10 -14.61 6.53
C TRP A 324 -15.52 -13.57 7.48
N LEU A 325 -15.33 -13.96 8.74
CA LEU A 325 -14.76 -13.06 9.76
C LEU A 325 -13.23 -13.18 9.87
N GLY A 326 -12.65 -14.02 9.02
CA GLY A 326 -11.20 -14.24 9.00
C GLY A 326 -10.69 -14.98 10.23
N GLU A 327 -11.56 -15.81 10.81
CA GLU A 327 -11.24 -16.57 12.02
C GLU A 327 -10.90 -18.01 11.68
N GLN A 328 -11.14 -18.41 10.44
CA GLN A 328 -10.85 -19.76 9.96
C GLN A 328 -10.54 -19.76 8.46
N LEU A 329 -9.90 -20.83 8.01
CA LEU A 329 -9.53 -21.00 6.60
C LEU A 329 -10.49 -21.94 5.88
N VAL A 330 -10.56 -21.79 4.56
CA VAL A 330 -11.36 -22.67 3.72
C VAL A 330 -10.48 -23.51 2.80
N CYS A 331 -10.79 -24.80 2.71
CA CYS A 331 -10.03 -25.73 1.88
C CYS A 331 -10.94 -26.48 0.90
N ASN A 340 -15.72 -18.95 -10.32
CA ASN A 340 -17.05 -18.67 -10.84
C ASN A 340 -18.08 -18.39 -9.74
N ILE A 341 -17.97 -19.14 -8.65
CA ILE A 341 -18.92 -19.03 -7.53
C ILE A 341 -18.79 -17.71 -6.77
N PHE A 342 -17.57 -17.16 -6.72
CA PHE A 342 -17.31 -15.90 -6.04
C PHE A 342 -17.46 -14.70 -6.97
N PRO A 343 -18.02 -13.58 -6.47
CA PRO A 343 -18.32 -12.42 -7.28
C PRO A 343 -17.14 -11.47 -7.46
N VAL A 344 -17.22 -10.61 -8.47
CA VAL A 344 -16.27 -9.52 -8.64
C VAL A 344 -16.64 -8.37 -7.71
N ILE A 345 -15.62 -7.59 -7.32
CA ILE A 345 -15.85 -6.41 -6.48
C ILE A 345 -15.39 -5.16 -7.24
N SER A 346 -16.31 -4.23 -7.41
CA SER A 346 -16.02 -2.98 -8.10
C SER A 346 -16.10 -1.80 -7.15
N LEU A 347 -15.05 -0.99 -7.15
CA LEU A 347 -15.03 0.26 -6.39
C LEU A 347 -15.02 1.44 -7.35
N TYR A 348 -16.02 2.30 -7.22
CA TYR A 348 -16.06 3.54 -8.00
C TYR A 348 -15.32 4.61 -7.24
N LEU A 349 -14.33 5.22 -7.89
CA LEU A 349 -13.52 6.27 -7.27
C LEU A 349 -13.85 7.63 -7.86
N MET A 350 -13.74 8.68 -7.04
CA MET A 350 -13.95 10.05 -7.49
C MET A 350 -13.00 10.36 -8.64
N GLY A 351 -13.53 10.95 -9.71
CA GLY A 351 -12.74 11.29 -10.88
C GLY A 351 -12.08 12.65 -10.77
N GLU A 352 -11.42 13.07 -11.85
CA GLU A 352 -10.73 14.37 -11.89
C GLU A 352 -11.70 15.52 -12.14
N VAL A 353 -12.86 15.18 -12.71
CA VAL A 353 -13.84 16.18 -13.16
C VAL A 353 -15.11 16.10 -12.30
N THR A 354 -15.73 17.25 -12.06
CA THR A 354 -17.00 17.34 -11.35
C THR A 354 -18.03 16.37 -11.95
N ASN A 355 -18.70 15.61 -11.09
CA ASN A 355 -19.72 14.62 -11.47
C ASN A 355 -19.20 13.43 -12.30
N GLN A 356 -17.88 13.28 -12.38
CA GLN A 356 -17.26 12.20 -13.15
C GLN A 356 -16.51 11.23 -12.23
N SER A 357 -16.74 9.94 -12.45
CA SER A 357 -16.04 8.90 -11.71
C SER A 357 -15.49 7.82 -12.65
N PHE A 358 -14.74 6.89 -12.07
CA PHE A 358 -14.31 5.68 -12.77
C PHE A 358 -14.36 4.50 -11.81
N ARG A 359 -14.38 3.29 -12.34
CA ARG A 359 -14.45 2.11 -11.49
C ARG A 359 -13.26 1.17 -11.67
N ILE A 360 -12.85 0.55 -10.56
CA ILE A 360 -11.83 -0.50 -10.59
C ILE A 360 -12.46 -1.81 -10.12
N THR A 361 -12.18 -2.89 -10.85
CA THR A 361 -12.79 -4.20 -10.56
C THR A 361 -11.74 -5.24 -10.21
N ILE A 362 -11.90 -5.89 -9.06
CA ILE A 362 -11.03 -6.98 -8.64
C ILE A 362 -11.74 -8.33 -8.65
N LEU A 363 -10.95 -9.40 -8.76
CA LEU A 363 -11.47 -10.76 -8.86
C LEU A 363 -11.32 -11.52 -7.53
N PRO A 364 -11.94 -12.71 -7.41
CA PRO A 364 -11.72 -13.60 -6.26
C PRO A 364 -10.25 -13.96 -6.07
N GLN A 365 -9.50 -14.03 -7.16
CA GLN A 365 -8.05 -14.29 -7.12
C GLN A 365 -7.28 -13.25 -6.32
N GLN A 366 -7.91 -12.09 -6.10
CA GLN A 366 -7.31 -11.03 -5.31
C GLN A 366 -7.68 -11.09 -3.83
N TYR A 367 -8.96 -11.32 -3.53
CA TYR A 367 -9.41 -11.31 -2.13
C TYR A 367 -9.46 -12.70 -1.46
N LEU A 368 -9.30 -13.75 -2.25
CA LEU A 368 -9.16 -15.11 -1.71
C LEU A 368 -7.71 -15.54 -1.86
N ARG A 369 -6.95 -15.40 -0.78
CA ARG A 369 -5.49 -15.56 -0.82
C ARG A 369 -5.02 -16.92 -0.29
N PRO A 370 -4.12 -17.58 -1.04
CA PRO A 370 -3.54 -18.86 -0.63
C PRO A 370 -2.70 -18.73 0.64
N VAL A 371 -2.83 -19.71 1.53
CA VAL A 371 -2.06 -19.73 2.77
C VAL A 371 -1.18 -20.97 2.85
N ASP A 380 -5.41 -27.03 -1.02
CA ASP A 380 -5.26 -25.59 -1.14
C ASP A 380 -6.08 -24.86 -0.06
N CYS A 381 -5.37 -24.17 0.84
CA CYS A 381 -6.00 -23.42 1.91
C CYS A 381 -6.08 -21.93 1.55
N TYR A 382 -7.28 -21.37 1.66
CA TYR A 382 -7.51 -19.96 1.32
C TYR A 382 -8.02 -19.15 2.50
N LYS A 383 -7.56 -17.89 2.58
CA LYS A 383 -8.04 -16.97 3.60
C LYS A 383 -8.82 -15.82 2.95
N PHE A 384 -10.00 -15.54 3.51
CA PHE A 384 -10.82 -14.42 3.06
C PHE A 384 -10.15 -13.11 3.48
N ALA A 385 -9.65 -12.39 2.49
CA ALA A 385 -8.81 -11.21 2.73
C ALA A 385 -9.57 -9.88 2.71
N ILE A 386 -10.85 -9.94 3.09
CA ILE A 386 -11.63 -8.73 3.33
C ILE A 386 -12.03 -8.72 4.80
N SER A 387 -11.68 -7.64 5.50
CA SER A 387 -11.89 -7.55 6.93
C SER A 387 -12.56 -6.25 7.35
N GLN A 388 -13.17 -6.27 8.53
CA GLN A 388 -13.76 -5.07 9.12
C GLN A 388 -12.67 -4.13 9.63
N SER A 389 -12.97 -2.84 9.68
CA SER A 389 -11.98 -1.84 10.07
C SER A 389 -12.57 -0.76 10.98
N SER A 390 -11.69 -0.18 11.81
CA SER A 390 -12.06 0.91 12.71
C SER A 390 -11.48 2.23 12.23
N THR A 391 -10.51 2.15 11.33
CA THR A 391 -9.82 3.33 10.81
C THR A 391 -10.19 3.64 9.35
N GLY A 392 -11.29 3.05 8.89
CA GLY A 392 -11.80 3.29 7.55
C GLY A 392 -11.35 2.28 6.52
N THR A 393 -11.65 2.55 5.25
CA THR A 393 -11.28 1.67 4.14
C THR A 393 -9.76 1.70 3.92
N VAL A 394 -9.18 0.51 3.77
CA VAL A 394 -7.77 0.37 3.42
C VAL A 394 -7.66 -0.46 2.15
N MET A 395 -7.23 0.20 1.07
CA MET A 395 -7.01 -0.47 -0.20
C MET A 395 -5.60 -1.05 -0.21
N GLY A 396 -5.49 -2.26 0.34
CA GLY A 396 -4.21 -2.93 0.50
C GLY A 396 -3.76 -3.71 -0.71
N ALA A 397 -2.93 -4.73 -0.48
CA ALA A 397 -2.39 -5.57 -1.54
C ALA A 397 -3.48 -6.29 -2.35
N VAL A 398 -4.61 -6.56 -1.71
CA VAL A 398 -5.77 -7.15 -2.39
C VAL A 398 -6.20 -6.32 -3.60
N ILE A 399 -6.29 -5.01 -3.40
CA ILE A 399 -6.61 -4.06 -4.47
C ILE A 399 -5.42 -3.85 -5.40
N MET A 400 -4.28 -3.48 -4.82
CA MET A 400 -3.10 -3.03 -5.58
C MET A 400 -2.50 -4.08 -6.51
N GLU A 401 -2.62 -5.37 -6.17
CA GLU A 401 -2.09 -6.44 -7.00
C GLU A 401 -2.80 -6.58 -8.35
N GLY A 402 -4.02 -6.06 -8.42
CA GLY A 402 -4.79 -6.08 -9.67
C GLY A 402 -4.43 -4.94 -10.62
N PHE A 403 -3.72 -3.93 -10.12
CA PHE A 403 -3.51 -2.70 -10.87
C PHE A 403 -2.09 -2.14 -10.82
N TYR A 404 -1.76 -1.35 -11.84
CA TYR A 404 -0.58 -0.50 -11.83
C TYR A 404 -1.02 0.83 -11.22
N VAL A 405 -0.41 1.20 -10.09
CA VAL A 405 -0.85 2.34 -9.31
C VAL A 405 0.18 3.46 -9.34
N VAL A 406 -0.23 4.64 -9.83
CA VAL A 406 0.64 5.79 -9.95
C VAL A 406 0.35 6.82 -8.85
N PHE A 407 1.36 7.05 -8.01
CA PHE A 407 1.24 8.03 -6.94
C PHE A 407 1.80 9.37 -7.42
N ASP A 408 0.93 10.12 -8.10
CA ASP A 408 1.29 11.39 -8.73
C ASP A 408 1.20 12.51 -7.70
N ARG A 409 2.23 12.62 -6.87
CA ARG A 409 2.29 13.60 -5.78
C ARG A 409 2.26 15.03 -6.29
N ALA A 410 2.93 15.28 -7.42
CA ALA A 410 3.00 16.61 -8.03
C ALA A 410 1.63 17.19 -8.38
N ARG A 411 0.70 16.33 -8.77
CA ARG A 411 -0.65 16.76 -9.17
C ARG A 411 -1.73 16.33 -8.17
N LYS A 412 -1.32 15.87 -6.99
CA LYS A 412 -2.23 15.43 -5.93
C LYS A 412 -3.29 14.45 -6.43
N ARG A 413 -2.84 13.40 -7.10
CA ARG A 413 -3.73 12.40 -7.69
C ARG A 413 -3.10 11.01 -7.73
N ILE A 414 -3.94 9.99 -7.76
CA ILE A 414 -3.49 8.60 -7.86
C ILE A 414 -4.10 7.95 -9.09
N GLY A 415 -3.23 7.42 -9.95
CA GLY A 415 -3.65 6.77 -11.18
C GLY A 415 -3.81 5.26 -11.04
N PHE A 416 -4.86 4.73 -11.66
CA PHE A 416 -5.11 3.29 -11.68
C PHE A 416 -5.21 2.81 -13.12
N ALA A 417 -4.51 1.71 -13.41
CA ALA A 417 -4.60 1.05 -14.71
C ALA A 417 -4.47 -0.45 -14.53
N VAL A 418 -5.08 -1.22 -15.44
CA VAL A 418 -5.00 -2.69 -15.40
C VAL A 418 -3.54 -3.14 -15.44
N SER A 419 -3.15 -3.92 -14.44
CA SER A 419 -1.79 -4.43 -14.34
C SER A 419 -1.52 -5.50 -15.40
N ALA A 420 -0.35 -5.44 -16.02
CA ALA A 420 0.07 -6.42 -17.01
C ALA A 420 0.49 -7.75 -16.37
N CYS A 421 0.56 -7.79 -15.04
CA CYS A 421 1.02 -8.97 -14.32
C CYS A 421 -0.02 -9.59 -13.36
N HIS A 422 -1.21 -9.00 -13.30
CA HIS A 422 -2.23 -9.43 -12.34
C HIS A 422 -2.74 -10.85 -12.60
N VAL A 423 -3.10 -11.54 -11.52
CA VAL A 423 -3.58 -12.93 -11.60
C VAL A 423 -5.06 -12.98 -11.97
N HIS A 424 -5.36 -13.63 -13.09
CA HIS A 424 -6.73 -13.75 -13.58
C HIS A 424 -6.97 -15.10 -14.27
N ASP A 425 -8.22 -15.38 -14.62
CA ASP A 425 -8.57 -16.59 -15.36
C ASP A 425 -9.09 -16.27 -16.77
N GLU A 426 -9.53 -17.30 -17.49
CA GLU A 426 -9.97 -17.17 -18.88
C GLU A 426 -11.32 -16.46 -19.05
N PHE A 427 -12.11 -16.43 -17.97
CA PHE A 427 -13.46 -15.87 -18.02
C PHE A 427 -13.53 -14.41 -17.57
N ARG A 428 -12.74 -14.06 -16.55
CA ARG A 428 -12.79 -12.72 -15.98
C ARG A 428 -11.39 -12.11 -15.77
N THR A 429 -11.30 -10.79 -15.92
CA THR A 429 -10.06 -10.05 -15.70
C THR A 429 -10.32 -8.77 -14.89
N ALA A 430 -9.27 -8.28 -14.23
CA ALA A 430 -9.35 -7.00 -13.54
C ALA A 430 -9.52 -5.86 -14.54
N ALA A 431 -10.27 -4.83 -14.17
CA ALA A 431 -10.63 -3.76 -15.11
C ALA A 431 -10.61 -2.38 -14.47
N VAL A 432 -10.26 -1.37 -15.29
CA VAL A 432 -10.39 0.04 -14.94
C VAL A 432 -11.21 0.71 -16.04
N GLU A 433 -12.43 1.12 -15.70
CA GLU A 433 -13.39 1.59 -16.69
C GLU A 433 -13.97 2.97 -16.37
N GLY A 434 -14.17 3.77 -17.41
CA GLY A 434 -14.77 5.09 -17.28
C GLY A 434 -15.06 5.74 -18.62
N PRO A 435 -15.64 6.96 -18.61
CA PRO A 435 -16.08 7.66 -17.41
C PRO A 435 -17.53 7.33 -17.02
N PHE A 436 -17.83 7.47 -15.74
CA PHE A 436 -19.20 7.29 -15.25
C PHE A 436 -19.71 8.58 -14.63
N VAL A 437 -21.03 8.78 -14.71
CA VAL A 437 -21.67 9.94 -14.08
C VAL A 437 -22.10 9.58 -12.66
N THR A 438 -21.47 10.26 -11.69
CA THR A 438 -21.80 10.08 -10.28
C THR A 438 -21.96 11.44 -9.62
N LEU A 439 -23.16 11.69 -9.08
CA LEU A 439 -23.49 12.96 -8.45
C LEU A 439 -23.23 12.93 -6.94
N ASP A 440 -23.07 14.11 -6.35
CA ASP A 440 -22.87 14.28 -4.91
C ASP A 440 -21.66 13.51 -4.35
N MET A 441 -20.56 13.53 -5.10
CA MET A 441 -19.35 12.82 -4.72
C MET A 441 -18.62 13.48 -3.53
N GLU A 442 -18.86 14.78 -3.36
CA GLU A 442 -18.28 15.54 -2.25
C GLU A 442 -18.92 15.18 -0.91
N ASP A 443 -20.14 14.66 -0.96
CA ASP A 443 -20.87 14.22 0.23
C ASP A 443 -20.34 12.90 0.76
N CYS A 444 -19.57 12.18 -0.06
CA CYS A 444 -19.01 10.88 0.31
C CYS A 444 -17.84 11.00 1.29
N GLY A 445 -17.15 12.14 1.25
CA GLY A 445 -16.01 12.39 2.13
C GLY A 445 -16.43 12.75 3.54
N TYR A 446 -15.78 12.11 4.52
CA TYR A 446 -16.08 12.35 5.94
C TYR A 446 -15.27 13.53 6.49
N ASN A 447 -15.94 14.36 7.28
CA ASN A 447 -15.31 15.54 7.88
C ASN A 447 -15.27 15.46 9.40
C1 GOL B . 1.70 13.72 -16.00
O1 GOL B . 1.49 14.62 -14.95
C2 GOL B . 3.20 13.52 -16.23
O2 GOL B . 3.84 14.77 -16.30
C3 GOL B . 3.82 12.69 -15.12
O3 GOL B . 3.25 11.40 -15.10
I IOD C . 14.71 -4.58 17.76
N14 5QV D . 0.92 0.00 6.31
C18 5QV D . 3.64 -4.63 8.16
C17 5QV D . 3.19 -3.30 8.15
C16 5QV D . 3.50 -2.45 9.21
C15 5QV D . 4.16 -0.05 9.42
C19 5QV D . 4.38 -5.10 9.24
C20 5QV D . 4.70 -4.25 10.30
C21 5QV D . 4.25 -2.94 10.29
C24 5QV D . 3.27 -5.52 7.01
C12 5QV D . 1.24 -0.48 7.52
C27 5QV D . 2.56 -7.14 4.93
C1 5QV D . -0.78 1.34 10.85
C2 5QV D . -0.92 0.01 11.56
C3 5QV D . -0.31 -1.22 11.26
C4 5QV D . -0.76 -2.15 12.20
O5 5QV D . -1.59 -1.56 13.01
N6 5QV D . -1.71 -0.20 12.64
C7 5QV D . -0.37 -3.61 12.27
C8 5QV D . 0.68 -1.51 10.13
C9 5QV D . 1.99 -0.73 10.29
C10 5QV D . 2.99 -1.00 9.17
N11 5QV D . 2.48 -0.65 7.84
S13 5QV D . -0.03 -1.18 8.51
F22 5QV D . 4.58 -2.17 11.33
F23 5QV D . 4.82 -6.37 9.26
C25 5QV D . 2.64 -6.74 7.23
N26 5QV D . 2.31 -7.53 6.19
N28 5QV D . 3.16 -5.95 4.67
C29 5QV D . 3.51 -5.13 5.70
#